data_3PDS
#
_entry.id   3PDS
#
_cell.length_a   282.440
_cell.length_b   40.040
_cell.length_c   65.210
_cell.angle_alpha   90.00
_cell.angle_beta   90.00
_cell.angle_gamma   90.00
#
_symmetry.space_group_name_H-M   'P 21 21 2'
#
loop_
_entity.id
_entity.type
_entity.pdbx_description
1 polymer 'Fusion protein Beta-2 adrenergic receptor/Lysozyme'
2 non-polymer 8-hydroxy-5-[(1R)-1-hydroxy-2-({2-[3-methoxy-4-(3-sulfanylpropoxy)phenyl]ethyl}amino)ethyl]quinolin-2(1H)-one
3 non-polymer CHOLESTEROL
4 non-polymer 'SULFATE ION'
#
_entity_poly.entity_id   1
_entity_poly.type   'polypeptide(L)'
_entity_poly.pdbx_seq_one_letter_code
;TQQRDEVWVVGMGIVMSLIVLAIVFGNVLVITAIAKFERLQTVTNYFITSLACADLVMGLAVVPFGAACILMKMWTFGNF
WCEFWTSIDVLCVTASIETLCVIAVDRYFAITSPFKYQSLLTKNKARVIILMVWIVSGLTSFLPIQMHWYRATHQEAINC
YAEETCCDFFTNQAYAIASSIVSFYVPLVIMVFVYSRVFQEAKRQLNIFEMLRIDEGLRLKIYKDTEGYYTIGIGHLLTK
SPSLNAAKSELDKAIGRNTNGVITKDEAEKLFNQDVDAAVRGILRNAKLKPVYDSLDAVRRAALINMVFQMGETGVAGFT
NSLRMLQQKRWDEAAVNLAKSRWYNQTPNRAKRVITTFRTGTWDAYKFCLKEHKALKTLGIIMGTFTLCWLPFFIVNIVH
VIQDNLIRKEVYILLNWIGYVNSGFNPLIYCRSPDFRIAFQELLCLRRSSLKHHHHHH
;
_entity_poly.pdbx_strand_id   A
#
# COMPACT_ATOMS: atom_id res chain seq x y z
N ASP A 5 13.72 -29.83 25.10
CA ASP A 5 13.10 -30.93 25.83
C ASP A 5 12.60 -32.04 24.88
N GLU A 6 12.29 -33.23 25.45
CA GLU A 6 11.80 -34.41 24.72
C GLU A 6 10.42 -34.21 24.10
N VAL A 7 9.46 -33.68 24.89
CA VAL A 7 8.07 -33.43 24.45
C VAL A 7 7.94 -32.08 23.72
N TRP A 8 8.98 -31.22 23.79
CA TRP A 8 9.06 -29.91 23.15
C TRP A 8 8.96 -29.99 21.62
N VAL A 9 9.50 -31.07 21.02
CA VAL A 9 9.48 -31.33 19.56
C VAL A 9 8.03 -31.50 19.09
N VAL A 10 7.19 -32.21 19.89
CA VAL A 10 5.76 -32.44 19.63
C VAL A 10 5.00 -31.10 19.72
N GLY A 11 5.35 -30.29 20.72
CA GLY A 11 4.77 -28.97 20.96
C GLY A 11 5.08 -27.97 19.86
N MET A 12 6.33 -28.00 19.35
CA MET A 12 6.80 -27.14 18.27
C MET A 12 6.18 -27.56 16.93
N GLY A 13 5.88 -28.86 16.80
CA GLY A 13 5.27 -29.46 15.62
C GLY A 13 3.88 -28.93 15.35
N ILE A 14 3.07 -28.76 16.42
CA ILE A 14 1.70 -28.21 16.37
C ILE A 14 1.76 -26.74 15.92
N VAL A 15 2.75 -25.99 16.43
CA VAL A 15 3.00 -24.58 16.11
C VAL A 15 3.36 -24.45 14.62
N MET A 16 4.28 -25.30 14.13
CA MET A 16 4.72 -25.33 12.73
C MET A 16 3.63 -25.82 11.77
N SER A 17 2.70 -26.69 12.26
CA SER A 17 1.58 -27.21 11.47
C SER A 17 0.56 -26.10 11.20
N LEU A 18 0.35 -25.20 12.19
CA LEU A 18 -0.57 -24.06 12.09
C LEU A 18 -0.04 -23.01 11.12
N ILE A 19 1.31 -22.89 11.00
CA ILE A 19 1.99 -21.97 10.07
C ILE A 19 1.70 -22.42 8.63
N VAL A 20 1.83 -23.75 8.36
CA VAL A 20 1.54 -24.38 7.06
C VAL A 20 0.07 -24.13 6.69
N LEU A 21 -0.84 -24.28 7.67
CA LEU A 21 -2.28 -24.04 7.52
C LEU A 21 -2.58 -22.55 7.25
N ALA A 22 -1.84 -21.64 7.92
CA ALA A 22 -2.01 -20.18 7.75
C ALA A 22 -1.58 -19.71 6.36
N ILE A 23 -0.54 -20.34 5.78
CA ILE A 23 -0.01 -20.01 4.45
C ILE A 23 -0.97 -20.49 3.35
N VAL A 24 -1.36 -21.78 3.39
CA VAL A 24 -2.27 -22.39 2.40
C VAL A 24 -3.66 -21.76 2.41
N PHE A 25 -4.42 -21.89 3.53
CA PHE A 25 -5.78 -21.35 3.70
C PHE A 25 -5.88 -19.84 3.43
N GLY A 26 -4.85 -19.09 3.82
CA GLY A 26 -4.77 -17.65 3.61
C GLY A 26 -4.64 -17.27 2.15
N ASN A 27 -3.66 -17.86 1.45
CA ASN A 27 -3.40 -17.61 0.03
C ASN A 27 -4.47 -18.17 -0.90
N VAL A 28 -5.17 -19.27 -0.50
CA VAL A 28 -6.25 -19.88 -1.27
C VAL A 28 -7.40 -18.87 -1.41
N LEU A 29 -7.75 -18.20 -0.29
CA LEU A 29 -8.79 -17.16 -0.22
C LEU A 29 -8.51 -15.96 -1.12
N VAL A 30 -7.22 -15.58 -1.27
CA VAL A 30 -6.78 -14.45 -2.11
C VAL A 30 -6.99 -14.78 -3.60
N ILE A 31 -6.52 -15.96 -4.04
CA ILE A 31 -6.64 -16.46 -5.42
C ILE A 31 -8.11 -16.68 -5.81
N THR A 32 -8.93 -17.23 -4.88
CA THR A 32 -10.36 -17.49 -5.09
C THR A 32 -11.16 -16.20 -5.22
N ALA A 33 -10.93 -15.20 -4.33
CA ALA A 33 -11.62 -13.91 -4.34
C ALA A 33 -11.41 -13.12 -5.63
N ILE A 34 -10.20 -13.20 -6.23
CA ILE A 34 -9.88 -12.51 -7.48
C ILE A 34 -10.53 -13.23 -8.68
N ALA A 35 -10.43 -14.57 -8.72
CA ALA A 35 -10.99 -15.40 -9.80
C ALA A 35 -12.53 -15.46 -9.82
N LYS A 36 -13.16 -15.61 -8.64
CA LYS A 36 -14.63 -15.71 -8.51
C LYS A 36 -15.32 -14.37 -8.74
N PHE A 37 -14.95 -13.33 -7.96
CA PHE A 37 -15.53 -12.00 -8.05
C PHE A 37 -14.95 -11.20 -9.22
N GLU A 38 -15.83 -10.63 -10.06
CA GLU A 38 -15.45 -9.81 -11.20
C GLU A 38 -14.95 -8.44 -10.72
N ARG A 39 -15.43 -8.01 -9.54
CA ARG A 39 -15.13 -6.75 -8.84
C ARG A 39 -13.63 -6.53 -8.62
N LEU A 40 -12.86 -7.59 -8.32
CA LEU A 40 -11.42 -7.53 -8.05
C LEU A 40 -10.56 -8.12 -9.20
N GLN A 41 -10.96 -7.88 -10.46
CA GLN A 41 -10.22 -8.36 -11.63
C GLN A 41 -9.41 -7.25 -12.33
N THR A 42 -8.68 -6.45 -11.52
CA THR A 42 -7.83 -5.35 -12.01
C THR A 42 -6.43 -5.83 -12.38
N VAL A 43 -5.72 -5.03 -13.21
CA VAL A 43 -4.35 -5.28 -13.70
C VAL A 43 -3.39 -5.58 -12.54
N THR A 44 -3.43 -4.78 -11.46
CA THR A 44 -2.60 -4.96 -10.27
C THR A 44 -2.97 -6.23 -9.49
N ASN A 45 -4.28 -6.57 -9.44
CA ASN A 45 -4.78 -7.77 -8.77
C ASN A 45 -4.35 -9.06 -9.46
N TYR A 46 -4.04 -9.00 -10.77
CA TYR A 46 -3.55 -10.12 -11.58
C TYR A 46 -2.14 -10.50 -11.10
N PHE A 47 -1.35 -9.47 -10.70
CA PHE A 47 0.00 -9.65 -10.15
C PHE A 47 -0.09 -10.12 -8.70
N ILE A 48 -1.16 -9.69 -7.98
CA ILE A 48 -1.45 -10.09 -6.59
C ILE A 48 -1.73 -11.61 -6.56
N THR A 49 -2.43 -12.13 -7.59
CA THR A 49 -2.75 -13.55 -7.75
C THR A 49 -1.45 -14.32 -7.96
N SER A 50 -0.54 -13.78 -8.81
CA SER A 50 0.78 -14.35 -9.11
C SER A 50 1.66 -14.35 -7.86
N LEU A 51 1.52 -13.32 -7.00
CA LEU A 51 2.24 -13.18 -5.74
C LEU A 51 1.71 -14.18 -4.73
N ALA A 52 0.37 -14.36 -4.68
CA ALA A 52 -0.31 -15.31 -3.78
C ALA A 52 -0.07 -16.75 -4.22
N CYS A 53 0.11 -16.98 -5.54
CA CYS A 53 0.41 -18.30 -6.12
C CYS A 53 1.80 -18.76 -5.69
N ALA A 54 2.80 -17.86 -5.76
CA ALA A 54 4.20 -18.10 -5.36
C ALA A 54 4.27 -18.41 -3.86
N ASP A 55 3.38 -17.78 -3.06
CA ASP A 55 3.28 -17.99 -1.62
C ASP A 55 2.54 -19.31 -1.32
N LEU A 56 1.60 -19.72 -2.20
CA LEU A 56 0.84 -20.96 -2.05
C LEU A 56 1.69 -22.21 -2.27
N VAL A 57 2.58 -22.19 -3.29
CA VAL A 57 3.49 -23.30 -3.63
C VAL A 57 4.50 -23.52 -2.48
N MET A 58 4.84 -22.43 -1.74
CA MET A 58 5.73 -22.47 -0.57
C MET A 58 5.10 -23.34 0.52
N GLY A 59 3.86 -23.01 0.92
CA GLY A 59 3.12 -23.72 1.95
C GLY A 59 2.67 -25.12 1.61
N LEU A 60 2.84 -25.56 0.34
CA LEU A 60 2.45 -26.89 -0.11
C LEU A 60 3.64 -27.79 -0.47
N ALA A 61 4.69 -27.21 -1.09
CA ALA A 61 5.87 -27.96 -1.53
C ALA A 61 7.19 -27.63 -0.80
N VAL A 62 7.26 -26.47 -0.11
CA VAL A 62 8.49 -26.06 0.60
C VAL A 62 8.36 -26.14 2.13
N VAL A 63 7.40 -25.39 2.72
CA VAL A 63 7.14 -25.31 4.17
C VAL A 63 6.84 -26.67 4.85
N PRO A 64 5.95 -27.58 4.33
CA PRO A 64 5.71 -28.85 5.04
C PRO A 64 6.92 -29.78 5.07
N PHE A 65 7.69 -29.83 3.96
CA PHE A 65 8.90 -30.66 3.84
C PHE A 65 10.07 -30.03 4.61
N GLY A 66 10.05 -28.71 4.75
CA GLY A 66 11.06 -27.95 5.48
C GLY A 66 10.93 -28.11 6.98
N ALA A 67 9.69 -28.13 7.49
CA ALA A 67 9.35 -28.29 8.90
C ALA A 67 9.70 -29.71 9.41
N ALA A 68 9.52 -30.72 8.54
CA ALA A 68 9.83 -32.12 8.83
C ALA A 68 11.34 -32.36 8.94
N CYS A 69 12.15 -31.52 8.27
CA CYS A 69 13.60 -31.61 8.30
C CYS A 69 14.19 -31.20 9.65
N ILE A 70 13.41 -30.53 10.51
CA ILE A 70 13.82 -30.08 11.85
C ILE A 70 13.29 -31.06 12.90
N LEU A 71 12.06 -31.61 12.68
CA LEU A 71 11.38 -32.56 13.56
C LEU A 71 12.16 -33.88 13.72
N MET A 72 12.79 -34.36 12.63
CA MET A 72 13.59 -35.58 12.62
C MET A 72 15.10 -35.29 12.55
N LYS A 73 15.47 -34.00 12.32
CA LYS A 73 16.84 -33.49 12.18
C LYS A 73 17.59 -34.09 10.96
N MET A 74 16.86 -34.74 10.04
CA MET A 74 17.38 -35.37 8.83
C MET A 74 16.33 -35.42 7.70
N TRP A 75 16.77 -35.72 6.47
CA TRP A 75 15.92 -35.82 5.28
C TRP A 75 15.41 -37.24 5.09
N THR A 76 14.09 -37.41 4.95
CA THR A 76 13.44 -38.71 4.77
C THR A 76 12.56 -38.74 3.49
N PHE A 77 13.06 -38.14 2.39
CA PHE A 77 12.34 -38.07 1.13
C PHE A 77 13.17 -38.47 -0.10
N GLY A 78 14.50 -38.47 0.06
CA GLY A 78 15.44 -38.85 -1.00
C GLY A 78 16.20 -37.69 -1.61
N ASN A 79 17.29 -38.00 -2.34
CA ASN A 79 18.15 -37.03 -3.01
C ASN A 79 17.46 -36.34 -4.20
N PHE A 80 16.49 -37.02 -4.86
CA PHE A 80 15.73 -36.48 -5.99
C PHE A 80 14.86 -35.31 -5.57
N TRP A 81 14.06 -35.50 -4.50
CA TRP A 81 13.18 -34.45 -3.96
C TRP A 81 13.97 -33.34 -3.26
N CYS A 82 15.14 -33.68 -2.66
CA CYS A 82 16.03 -32.73 -1.98
C CYS A 82 16.50 -31.61 -2.93
N GLU A 83 16.83 -31.97 -4.17
CA GLU A 83 17.26 -31.04 -5.22
C GLU A 83 16.06 -30.26 -5.77
N PHE A 84 14.89 -30.94 -5.89
CA PHE A 84 13.64 -30.36 -6.40
C PHE A 84 13.02 -29.37 -5.41
N TRP A 85 12.96 -29.73 -4.11
CA TRP A 85 12.43 -28.93 -3.00
C TRP A 85 13.23 -27.62 -2.85
N THR A 86 14.56 -27.68 -3.06
CA THR A 86 15.46 -26.53 -2.99
C THR A 86 15.22 -25.62 -4.21
N SER A 87 14.97 -26.22 -5.40
CA SER A 87 14.72 -25.51 -6.65
C SER A 87 13.43 -24.69 -6.59
N ILE A 88 12.37 -25.23 -5.94
CA ILE A 88 11.07 -24.55 -5.77
C ILE A 88 11.23 -23.40 -4.77
N ASP A 89 11.98 -23.65 -3.66
CA ASP A 89 12.26 -22.68 -2.59
C ASP A 89 12.85 -21.38 -3.11
N VAL A 90 13.85 -21.47 -4.03
CA VAL A 90 14.50 -20.31 -4.63
C VAL A 90 13.56 -19.67 -5.68
N LEU A 91 12.84 -20.50 -6.46
CA LEU A 91 11.88 -20.07 -7.49
C LEU A 91 10.77 -19.18 -6.92
N CYS A 92 10.19 -19.58 -5.77
CA CYS A 92 9.13 -18.85 -5.08
C CYS A 92 9.58 -17.48 -4.55
N VAL A 93 10.86 -17.37 -4.13
CA VAL A 93 11.44 -16.12 -3.63
C VAL A 93 11.77 -15.20 -4.82
N THR A 94 12.41 -15.74 -5.87
CA THR A 94 12.81 -15.04 -7.10
C THR A 94 11.58 -14.44 -7.80
N ALA A 95 10.47 -15.21 -7.89
CA ALA A 95 9.23 -14.76 -8.52
C ALA A 95 8.53 -13.67 -7.70
N SER A 96 8.50 -13.81 -6.35
CA SER A 96 7.87 -12.85 -5.43
C SER A 96 8.52 -11.48 -5.44
N ILE A 97 9.88 -11.41 -5.38
CA ILE A 97 10.63 -10.15 -5.42
C ILE A 97 10.47 -9.44 -6.78
N GLU A 98 10.45 -10.22 -7.88
CA GLU A 98 10.28 -9.72 -9.25
C GLU A 98 8.86 -9.19 -9.48
N THR A 99 7.83 -9.90 -8.94
CA THR A 99 6.42 -9.49 -9.05
C THR A 99 6.19 -8.18 -8.28
N LEU A 100 6.77 -8.07 -7.07
CA LEU A 100 6.69 -6.86 -6.22
C LEU A 100 7.42 -5.69 -6.88
N CYS A 101 8.50 -5.99 -7.64
CA CYS A 101 9.29 -5.02 -8.39
C CYS A 101 8.48 -4.49 -9.58
N VAL A 102 7.71 -5.39 -10.25
CA VAL A 102 6.84 -5.07 -11.39
C VAL A 102 5.69 -4.15 -10.94
N ILE A 103 5.06 -4.47 -9.79
CA ILE A 103 3.98 -3.68 -9.18
C ILE A 103 4.45 -2.23 -8.91
N ALA A 104 5.69 -2.08 -8.37
CA ALA A 104 6.32 -0.79 -8.07
C ALA A 104 6.47 0.07 -9.33
N VAL A 105 6.86 -0.56 -10.47
CA VAL A 105 7.03 0.11 -11.77
C VAL A 105 5.63 0.44 -12.35
N ASP A 106 4.68 -0.53 -12.26
CA ASP A 106 3.30 -0.40 -12.73
C ASP A 106 2.56 0.74 -12.03
N ARG A 107 2.74 0.88 -10.70
CA ARG A 107 2.10 1.94 -9.91
C ARG A 107 2.67 3.31 -10.22
N TYR A 108 3.98 3.38 -10.58
CA TYR A 108 4.65 4.63 -10.95
C TYR A 108 4.15 5.14 -12.30
N PHE A 109 3.97 4.23 -13.28
CA PHE A 109 3.48 4.56 -14.61
C PHE A 109 1.98 4.89 -14.62
N ALA A 110 1.24 4.42 -13.59
CA ALA A 110 -0.20 4.68 -13.44
C ALA A 110 -0.44 6.02 -12.72
N ILE A 111 0.44 6.39 -11.78
CA ILE A 111 0.35 7.64 -11.02
C ILE A 111 0.81 8.87 -11.84
N THR A 112 1.78 8.67 -12.76
CA THR A 112 2.32 9.73 -13.63
C THR A 112 1.48 9.92 -14.90
N SER A 113 0.67 8.92 -15.25
CA SER A 113 -0.22 8.90 -16.42
C SER A 113 -1.29 10.01 -16.34
N PRO A 114 -1.72 10.63 -17.47
CA PRO A 114 -2.79 11.65 -17.40
C PRO A 114 -4.10 11.08 -16.86
N PHE A 115 -4.33 9.78 -17.11
CA PHE A 115 -5.47 9.00 -16.64
C PHE A 115 -4.96 8.32 -15.36
N LYS A 116 -4.85 9.09 -14.27
CA LYS A 116 -4.32 8.70 -12.95
C LYS A 116 -4.94 7.42 -12.37
N TYR A 117 -4.09 6.61 -11.69
CA TYR A 117 -4.43 5.35 -11.03
C TYR A 117 -4.93 4.22 -11.95
N GLN A 118 -4.78 4.40 -13.27
CA GLN A 118 -5.17 3.41 -14.28
C GLN A 118 -3.91 2.89 -14.98
N SER A 119 -3.67 1.57 -14.88
CA SER A 119 -2.51 0.89 -15.44
C SER A 119 -2.51 0.93 -16.97
N LEU A 120 -1.32 1.21 -17.55
CA LEU A 120 -1.12 1.30 -19.00
C LEU A 120 -1.23 -0.07 -19.70
N LEU A 121 -0.92 -1.16 -18.98
CA LEU A 121 -0.98 -2.53 -19.49
C LEU A 121 -2.40 -3.07 -19.48
N THR A 122 -2.80 -3.79 -20.55
CA THR A 122 -4.12 -4.41 -20.70
C THR A 122 -4.12 -5.79 -20.01
N LYS A 123 -5.30 -6.40 -19.81
CA LYS A 123 -5.47 -7.71 -19.17
C LYS A 123 -4.63 -8.81 -19.82
N ASN A 124 -4.65 -8.88 -21.17
CA ASN A 124 -3.90 -9.86 -21.96
C ASN A 124 -2.39 -9.61 -21.90
N LYS A 125 -1.98 -8.32 -21.91
CA LYS A 125 -0.58 -7.90 -21.84
C LYS A 125 0.02 -8.14 -20.45
N ALA A 126 -0.79 -7.96 -19.38
CA ALA A 126 -0.38 -8.16 -17.99
C ALA A 126 -0.12 -9.65 -17.70
N ARG A 127 -0.90 -10.55 -18.34
CA ARG A 127 -0.77 -12.01 -18.21
C ARG A 127 0.59 -12.48 -18.75
N VAL A 128 1.09 -11.81 -19.81
CA VAL A 128 2.39 -12.07 -20.45
C VAL A 128 3.51 -11.73 -19.45
N ILE A 129 3.42 -10.55 -18.79
CA ILE A 129 4.37 -10.05 -17.79
C ILE A 129 4.52 -11.07 -16.63
N ILE A 130 3.40 -11.68 -16.20
CA ILE A 130 3.35 -12.71 -15.15
C ILE A 130 4.17 -13.93 -15.60
N LEU A 131 3.93 -14.39 -16.85
CA LEU A 131 4.64 -15.52 -17.46
C LEU A 131 6.13 -15.20 -17.70
N MET A 132 6.44 -13.92 -18.01
CA MET A 132 7.81 -13.43 -18.22
C MET A 132 8.62 -13.53 -16.92
N VAL A 133 7.97 -13.28 -15.77
CA VAL A 133 8.57 -13.34 -14.43
C VAL A 133 8.92 -14.80 -14.08
N TRP A 134 7.94 -15.73 -14.22
CA TRP A 134 8.11 -17.16 -13.93
C TRP A 134 9.15 -17.87 -14.80
N ILE A 135 9.27 -17.49 -16.09
CA ILE A 135 10.25 -18.05 -17.03
C ILE A 135 11.68 -17.61 -16.65
N VAL A 136 11.87 -16.31 -16.34
CA VAL A 136 13.14 -15.72 -15.89
C VAL A 136 13.54 -16.34 -14.54
N SER A 137 12.54 -16.57 -13.65
CA SER A 137 12.73 -17.20 -12.34
C SER A 137 13.20 -18.65 -12.51
N GLY A 138 12.64 -19.36 -13.49
CA GLY A 138 12.99 -20.75 -13.81
C GLY A 138 14.39 -20.88 -14.37
N LEU A 139 14.85 -19.87 -15.12
CA LEU A 139 16.18 -19.81 -15.73
C LEU A 139 17.25 -19.49 -14.67
N THR A 140 16.90 -18.65 -13.67
CA THR A 140 17.79 -18.20 -12.60
C THR A 140 17.81 -19.09 -11.35
N SER A 141 16.74 -19.87 -11.09
CA SER A 141 16.66 -20.72 -9.90
C SER A 141 16.74 -22.22 -10.19
N PHE A 142 15.85 -22.74 -11.06
CA PHE A 142 15.79 -24.16 -11.41
C PHE A 142 17.03 -24.68 -12.14
N LEU A 143 17.55 -23.91 -13.12
CA LEU A 143 18.75 -24.29 -13.88
C LEU A 143 20.05 -24.39 -13.07
N PRO A 144 20.48 -23.41 -12.24
CA PRO A 144 21.73 -23.58 -11.48
C PRO A 144 21.72 -24.67 -10.40
N ILE A 145 20.54 -25.12 -9.96
CA ILE A 145 20.40 -26.18 -8.94
C ILE A 145 20.33 -27.57 -9.59
N GLN A 146 19.40 -27.76 -10.57
CA GLN A 146 19.23 -29.03 -11.28
C GLN A 146 20.47 -29.36 -12.13
N MET A 147 20.97 -28.36 -12.89
CA MET A 147 22.19 -28.50 -13.70
C MET A 147 23.32 -27.91 -12.84
N HIS A 148 23.78 -28.73 -11.88
CA HIS A 148 24.79 -28.47 -10.84
C HIS A 148 25.85 -27.39 -11.10
N TRP A 149 25.77 -26.31 -10.30
CA TRP A 149 26.67 -25.15 -10.31
C TRP A 149 26.81 -24.55 -8.90
N TYR A 150 25.90 -24.93 -7.98
CA TYR A 150 25.85 -24.48 -6.59
C TYR A 150 26.78 -25.30 -5.67
N ARG A 151 27.13 -26.54 -6.07
CA ARG A 151 27.97 -27.48 -5.31
C ARG A 151 29.33 -26.88 -4.95
N ALA A 152 29.69 -26.94 -3.65
CA ALA A 152 30.95 -26.42 -3.13
C ALA A 152 32.09 -27.44 -3.22
N THR A 153 33.32 -26.95 -3.44
CA THR A 153 34.54 -27.75 -3.60
C THR A 153 35.06 -28.45 -2.33
N HIS A 154 34.79 -27.88 -1.14
CA HIS A 154 35.26 -28.45 0.14
C HIS A 154 34.55 -29.75 0.54
N GLN A 155 35.29 -30.65 1.23
CA GLN A 155 34.85 -31.97 1.70
C GLN A 155 33.61 -31.96 2.59
N GLU A 156 33.48 -30.93 3.47
CA GLU A 156 32.35 -30.75 4.40
C GLU A 156 31.01 -30.67 3.66
N ALA A 157 31.01 -30.07 2.45
CA ALA A 157 29.83 -29.92 1.60
C ALA A 157 29.51 -31.20 0.83
N ILE A 158 30.56 -31.89 0.30
CA ILE A 158 30.48 -33.13 -0.48
C ILE A 158 29.78 -34.26 0.32
N ASN A 159 30.05 -34.34 1.63
CA ASN A 159 29.47 -35.33 2.55
C ASN A 159 27.94 -35.20 2.63
N CYS A 160 27.41 -33.96 2.55
CA CYS A 160 25.97 -33.69 2.61
C CYS A 160 25.26 -34.08 1.32
N TYR A 161 25.87 -33.82 0.14
CA TYR A 161 25.30 -34.17 -1.17
C TYR A 161 25.27 -35.69 -1.35
N ALA A 162 26.30 -36.39 -0.85
CA ALA A 162 26.44 -37.84 -0.91
C ALA A 162 25.44 -38.56 -0.01
N GLU A 163 25.15 -37.99 1.18
CA GLU A 163 24.21 -38.55 2.15
C GLU A 163 22.77 -38.32 1.73
N GLU A 164 21.93 -39.36 1.87
CA GLU A 164 20.50 -39.33 1.55
C GLU A 164 19.66 -38.65 2.63
N THR A 165 20.22 -38.52 3.85
CA THR A 165 19.56 -37.89 5.01
C THR A 165 19.99 -36.42 5.23
N CYS A 166 20.88 -35.89 4.36
CA CYS A 166 21.35 -34.51 4.44
C CYS A 166 20.84 -33.68 3.26
N CYS A 167 20.20 -32.54 3.56
CA CYS A 167 19.65 -31.62 2.57
C CYS A 167 20.00 -30.15 2.90
N ASP A 168 21.19 -29.93 3.52
CA ASP A 168 21.69 -28.61 3.89
C ASP A 168 22.19 -27.88 2.64
N PHE A 169 21.75 -26.62 2.44
CA PHE A 169 22.11 -25.81 1.28
C PHE A 169 23.52 -25.23 1.35
N PHE A 170 24.53 -26.07 1.07
CA PHE A 170 25.94 -25.68 1.03
C PHE A 170 26.22 -25.09 -0.35
N THR A 171 26.65 -23.81 -0.38
CA THR A 171 26.91 -23.10 -1.64
C THR A 171 28.31 -22.53 -1.74
N ASN A 172 28.87 -22.51 -2.97
CA ASN A 172 30.19 -21.95 -3.25
C ASN A 172 30.11 -20.41 -3.25
N GLN A 173 31.26 -19.74 -3.05
CA GLN A 173 31.36 -18.28 -2.99
C GLN A 173 30.91 -17.55 -4.26
N ALA A 174 31.06 -18.20 -5.44
CA ALA A 174 30.64 -17.63 -6.73
C ALA A 174 29.11 -17.60 -6.88
N TYR A 175 28.42 -18.69 -6.47
CA TYR A 175 26.97 -18.80 -6.53
C TYR A 175 26.30 -17.95 -5.45
N ALA A 176 26.87 -17.93 -4.23
CA ALA A 176 26.35 -17.16 -3.07
C ALA A 176 26.22 -15.66 -3.35
N ILE A 177 27.12 -15.11 -4.20
CA ILE A 177 27.11 -13.71 -4.61
C ILE A 177 26.07 -13.51 -5.73
N ALA A 178 26.07 -14.41 -6.74
CA ALA A 178 25.17 -14.38 -7.89
C ALA A 178 23.69 -14.58 -7.53
N SER A 179 23.38 -15.60 -6.69
CA SER A 179 22.01 -15.90 -6.26
C SER A 179 21.40 -14.84 -5.35
N SER A 180 22.25 -14.10 -4.61
CA SER A 180 21.79 -13.02 -3.72
C SER A 180 21.57 -11.72 -4.47
N ILE A 181 22.49 -11.36 -5.38
CA ILE A 181 22.42 -10.12 -6.17
C ILE A 181 21.33 -10.17 -7.25
N VAL A 182 21.33 -11.22 -8.10
CA VAL A 182 20.36 -11.38 -9.20
C VAL A 182 18.94 -11.68 -8.70
N SER A 183 18.77 -12.70 -7.83
CA SER A 183 17.47 -13.13 -7.33
C SER A 183 16.92 -12.39 -6.10
N PHE A 184 17.63 -11.35 -5.57
CA PHE A 184 17.15 -10.57 -4.42
C PHE A 184 17.57 -9.10 -4.40
N TYR A 185 18.90 -8.81 -4.36
CA TYR A 185 19.43 -7.46 -4.27
C TYR A 185 19.09 -6.49 -5.40
N VAL A 186 19.30 -6.89 -6.68
CA VAL A 186 18.97 -6.07 -7.86
C VAL A 186 17.45 -5.73 -7.90
N PRO A 187 16.49 -6.69 -7.81
CA PRO A 187 15.06 -6.30 -7.81
C PRO A 187 14.64 -5.46 -6.60
N LEU A 188 15.33 -5.61 -5.45
CA LEU A 188 15.07 -4.86 -4.22
C LEU A 188 15.43 -3.38 -4.39
N VAL A 189 16.61 -3.09 -5.00
CA VAL A 189 17.12 -1.74 -5.28
C VAL A 189 16.11 -0.98 -6.17
N ILE A 190 15.57 -1.65 -7.19
CA ILE A 190 14.58 -1.09 -8.11
C ILE A 190 13.23 -0.90 -7.39
N MET A 191 12.76 -1.94 -6.64
CA MET A 191 11.50 -1.93 -5.88
C MET A 191 11.45 -0.77 -4.85
N VAL A 192 12.54 -0.57 -4.11
CA VAL A 192 12.64 0.49 -3.08
C VAL A 192 12.69 1.89 -3.72
N PHE A 193 13.57 2.10 -4.72
CA PHE A 193 13.75 3.38 -5.41
C PHE A 193 12.51 3.85 -6.20
N VAL A 194 11.93 2.96 -7.04
CA VAL A 194 10.77 3.27 -7.88
C VAL A 194 9.51 3.54 -7.03
N TYR A 195 9.25 2.71 -6.00
CA TYR A 195 8.09 2.90 -5.12
C TYR A 195 8.21 4.09 -4.17
N SER A 196 9.43 4.61 -3.97
CA SER A 196 9.70 5.81 -3.16
C SER A 196 9.21 7.03 -3.93
N ARG A 197 9.30 6.98 -5.29
CA ARG A 197 8.84 8.02 -6.20
C ARG A 197 7.31 8.01 -6.31
N VAL A 198 6.67 6.86 -6.03
CA VAL A 198 5.22 6.67 -6.02
C VAL A 198 4.64 7.46 -4.83
N PHE A 199 5.29 7.36 -3.65
CA PHE A 199 4.91 8.08 -2.44
C PHE A 199 5.21 9.58 -2.59
N GLN A 200 6.24 9.92 -3.40
CA GLN A 200 6.65 11.29 -3.70
C GLN A 200 5.58 11.98 -4.57
N GLU A 201 4.97 11.21 -5.50
CA GLU A 201 3.90 11.68 -6.39
C GLU A 201 2.58 11.85 -5.65
N ALA A 202 2.38 11.04 -4.59
CA ALA A 202 1.20 11.08 -3.73
C ALA A 202 1.24 12.40 -2.93
N LYS A 203 2.46 12.86 -2.57
CA LYS A 203 2.67 14.11 -1.85
C LYS A 203 2.56 15.31 -2.81
N ARG A 204 2.89 15.10 -4.10
CA ARG A 204 2.83 16.10 -5.17
C ARG A 204 1.36 16.43 -5.52
N GLN A 205 0.48 15.40 -5.43
CA GLN A 205 -0.95 15.49 -5.73
C GLN A 205 -1.75 16.36 -4.75
N LEU A 206 -1.21 16.59 -3.53
CA LEU A 206 -1.90 17.36 -2.48
C LEU A 206 -2.20 18.83 -2.82
N ASN A 207 -3.49 19.10 -3.14
CA ASN A 207 -4.02 20.41 -3.52
C ASN A 207 -5.17 20.86 -2.62
N ILE A 208 -5.76 22.04 -2.91
CA ILE A 208 -6.93 22.62 -2.23
C ILE A 208 -8.17 21.74 -2.46
N PHE A 209 -8.35 21.21 -3.70
CA PHE A 209 -9.45 20.31 -4.08
C PHE A 209 -9.39 19.01 -3.27
N GLU A 210 -8.18 18.40 -3.19
CA GLU A 210 -7.94 17.15 -2.46
C GLU A 210 -8.13 17.32 -0.94
N MET A 211 -7.83 18.53 -0.41
CA MET A 211 -7.96 18.89 1.00
C MET A 211 -9.43 18.86 1.42
N LEU A 212 -10.30 19.57 0.66
CA LEU A 212 -11.73 19.66 0.91
C LEU A 212 -12.47 18.38 0.53
N ARG A 213 -11.85 17.53 -0.32
CA ARG A 213 -12.39 16.24 -0.74
C ARG A 213 -12.45 15.26 0.44
N ILE A 214 -11.48 15.36 1.36
CA ILE A 214 -11.39 14.54 2.58
C ILE A 214 -12.27 15.16 3.67
N ASP A 215 -12.16 16.48 3.90
CA ASP A 215 -12.90 17.22 4.92
C ASP A 215 -14.41 17.28 4.70
N GLU A 216 -14.87 17.87 3.58
CA GLU A 216 -16.29 18.00 3.25
C GLU A 216 -16.89 16.71 2.70
N GLY A 217 -16.23 16.13 1.70
CA GLY A 217 -16.66 14.91 1.05
C GLY A 217 -17.37 15.15 -0.26
N LEU A 218 -16.87 14.54 -1.36
CA LEU A 218 -17.44 14.67 -2.69
C LEU A 218 -18.69 13.79 -2.81
N ARG A 219 -19.84 14.41 -3.13
CA ARG A 219 -21.13 13.72 -3.28
C ARG A 219 -21.75 14.06 -4.65
N LEU A 220 -21.86 13.04 -5.51
CA LEU A 220 -22.39 13.18 -6.88
C LEU A 220 -23.88 13.49 -6.95
N LYS A 221 -24.67 13.05 -5.95
CA LYS A 221 -26.11 13.26 -5.86
C LYS A 221 -26.47 14.53 -5.09
N ILE A 222 -27.66 15.11 -5.36
CA ILE A 222 -28.17 16.31 -4.68
C ILE A 222 -28.57 15.92 -3.25
N TYR A 223 -28.00 16.62 -2.25
CA TYR A 223 -28.25 16.36 -0.83
C TYR A 223 -28.51 17.65 -0.05
N LYS A 224 -29.28 17.55 1.05
CA LYS A 224 -29.56 18.67 1.94
C LYS A 224 -28.44 18.78 2.97
N ASP A 225 -27.83 19.97 3.09
CA ASP A 225 -26.72 20.22 4.02
C ASP A 225 -27.16 20.28 5.50
N THR A 226 -26.23 20.64 6.41
CA THR A 226 -26.46 20.77 7.85
C THR A 226 -27.52 21.84 8.18
N GLU A 227 -27.64 22.87 7.31
CA GLU A 227 -28.60 23.97 7.45
C GLU A 227 -29.99 23.55 6.94
N GLY A 228 -30.04 22.92 5.77
CA GLY A 228 -31.27 22.44 5.14
C GLY A 228 -31.39 22.68 3.65
N TYR A 229 -30.53 23.58 3.10
CA TYR A 229 -30.53 23.95 1.68
C TYR A 229 -29.90 22.85 0.79
N TYR A 230 -30.22 22.85 -0.52
CA TYR A 230 -29.69 21.88 -1.48
C TYR A 230 -28.24 22.15 -1.85
N THR A 231 -27.38 21.13 -1.69
CA THR A 231 -25.94 21.17 -1.94
C THR A 231 -25.51 19.99 -2.84
N ILE A 232 -24.42 20.16 -3.61
CA ILE A 232 -23.84 19.15 -4.50
C ILE A 232 -22.30 19.25 -4.54
N GLY A 233 -21.64 18.09 -4.63
CA GLY A 233 -20.19 17.98 -4.68
C GLY A 233 -19.52 18.32 -3.37
N ILE A 234 -18.68 19.38 -3.38
CA ILE A 234 -17.95 19.84 -2.20
C ILE A 234 -18.45 21.23 -1.77
N GLY A 235 -19.39 21.23 -0.82
CA GLY A 235 -20.01 22.41 -0.22
C GLY A 235 -20.54 23.47 -1.16
N HIS A 236 -20.99 23.08 -2.37
CA HIS A 236 -21.53 24.01 -3.36
C HIS A 236 -23.05 24.13 -3.24
N LEU A 237 -23.51 25.27 -2.70
CA LEU A 237 -24.93 25.57 -2.52
C LEU A 237 -25.60 25.88 -3.85
N LEU A 238 -26.66 25.13 -4.19
CA LEU A 238 -27.40 25.28 -5.44
C LEU A 238 -28.43 26.41 -5.32
N THR A 239 -29.40 26.25 -4.40
CA THR A 239 -30.46 27.23 -4.12
C THR A 239 -30.93 27.14 -2.66
N LYS A 240 -31.38 28.28 -2.11
CA LYS A 240 -31.88 28.36 -0.73
C LYS A 240 -33.34 27.89 -0.63
N SER A 241 -34.01 27.71 -1.79
CA SER A 241 -35.40 27.27 -1.92
C SER A 241 -35.62 25.83 -1.44
N PRO A 242 -36.72 25.55 -0.70
CA PRO A 242 -36.95 24.18 -0.21
C PRO A 242 -37.41 23.18 -1.28
N SER A 243 -37.74 23.66 -2.49
CA SER A 243 -38.17 22.82 -3.62
C SER A 243 -36.96 22.24 -4.36
N LEU A 244 -36.96 20.91 -4.56
CA LEU A 244 -35.89 20.17 -5.24
C LEU A 244 -35.78 20.52 -6.74
N ASN A 245 -36.92 20.82 -7.39
CA ASN A 245 -37.00 21.18 -8.81
C ASN A 245 -36.21 22.45 -9.14
N ALA A 246 -36.09 23.38 -8.17
CA ALA A 246 -35.34 24.64 -8.30
C ALA A 246 -33.83 24.38 -8.36
N ALA A 247 -33.35 23.34 -7.65
CA ALA A 247 -31.94 22.94 -7.61
C ALA A 247 -31.48 22.33 -8.93
N LYS A 248 -32.36 21.53 -9.58
CA LYS A 248 -32.10 20.88 -10.87
C LYS A 248 -31.94 21.90 -12.01
N SER A 249 -32.72 23.00 -11.97
CA SER A 249 -32.68 24.08 -12.95
C SER A 249 -31.37 24.88 -12.83
N GLU A 250 -30.84 25.00 -11.59
CA GLU A 250 -29.59 25.69 -11.29
C GLU A 250 -28.37 24.83 -11.61
N LEU A 251 -28.48 23.50 -11.40
CA LEU A 251 -27.42 22.52 -11.66
C LEU A 251 -27.08 22.42 -13.15
N ASP A 252 -28.13 22.44 -14.01
CA ASP A 252 -27.97 22.39 -15.48
C ASP A 252 -27.39 23.72 -15.98
N LYS A 253 -27.75 24.83 -15.32
CA LYS A 253 -27.28 26.18 -15.64
C LYS A 253 -25.80 26.36 -15.27
N ALA A 254 -25.34 25.67 -14.21
CA ALA A 254 -23.96 25.73 -13.72
C ALA A 254 -22.99 24.87 -14.54
N ILE A 255 -23.47 23.73 -15.10
CA ILE A 255 -22.65 22.82 -15.90
C ILE A 255 -22.78 23.11 -17.40
N GLY A 256 -23.99 22.97 -17.94
CA GLY A 256 -24.30 23.19 -19.35
C GLY A 256 -24.80 21.96 -20.07
N ARG A 257 -25.39 21.00 -19.31
CA ARG A 257 -25.95 19.75 -19.82
C ARG A 257 -27.10 19.24 -18.93
N ASN A 258 -27.91 18.29 -19.45
CA ASN A 258 -29.01 17.69 -18.70
C ASN A 258 -28.43 16.69 -17.69
N THR A 259 -28.34 17.13 -16.42
CA THR A 259 -27.77 16.35 -15.31
C THR A 259 -28.72 15.30 -14.74
N ASN A 260 -30.01 15.66 -14.57
CA ASN A 260 -31.09 14.82 -14.02
C ASN A 260 -30.95 14.45 -12.53
N GLY A 261 -29.86 14.88 -11.89
CA GLY A 261 -29.60 14.62 -10.48
C GLY A 261 -28.17 14.24 -10.13
N VAL A 262 -27.51 13.44 -11.00
CA VAL A 262 -26.14 12.96 -10.78
C VAL A 262 -25.13 13.63 -11.71
N ILE A 263 -23.98 14.06 -11.16
CA ILE A 263 -22.86 14.70 -11.88
C ILE A 263 -21.61 13.79 -11.83
N THR A 264 -20.45 14.30 -12.29
CA THR A 264 -19.18 13.54 -12.29
C THR A 264 -18.08 14.23 -11.46
N LYS A 265 -17.02 13.46 -11.10
CA LYS A 265 -15.85 13.90 -10.32
C LYS A 265 -15.18 15.13 -10.94
N ASP A 266 -15.01 15.12 -12.28
CA ASP A 266 -14.38 16.20 -13.06
C ASP A 266 -15.25 17.45 -13.07
N GLU A 267 -16.59 17.28 -13.14
CA GLU A 267 -17.56 18.38 -13.13
C GLU A 267 -17.69 18.97 -11.72
N ALA A 268 -17.50 18.14 -10.68
CA ALA A 268 -17.53 18.53 -9.27
C ALA A 268 -16.28 19.36 -8.95
N GLU A 269 -15.14 19.02 -9.61
CA GLU A 269 -13.86 19.72 -9.49
C GLU A 269 -13.97 21.09 -10.17
N LYS A 270 -14.72 21.16 -11.29
CA LYS A 270 -14.99 22.37 -12.06
C LYS A 270 -15.87 23.34 -11.25
N LEU A 271 -16.88 22.80 -10.53
CA LEU A 271 -17.78 23.58 -9.67
C LEU A 271 -17.03 24.11 -8.46
N PHE A 272 -16.08 23.32 -7.93
CA PHE A 272 -15.25 23.68 -6.77
C PHE A 272 -14.31 24.85 -7.11
N ASN A 273 -13.75 24.85 -8.34
CA ASN A 273 -12.86 25.90 -8.82
C ASN A 273 -13.60 27.23 -9.00
N GLN A 274 -14.90 27.17 -9.33
CA GLN A 274 -15.79 28.32 -9.47
C GLN A 274 -16.09 28.88 -8.07
N ASP A 275 -16.27 27.99 -7.08
CA ASP A 275 -16.55 28.32 -5.67
C ASP A 275 -15.33 28.83 -4.93
N VAL A 276 -14.14 28.28 -5.21
CA VAL A 276 -12.88 28.68 -4.57
C VAL A 276 -12.48 30.13 -4.93
N ASP A 277 -12.77 30.56 -6.17
CA ASP A 277 -12.50 31.92 -6.65
C ASP A 277 -13.45 32.91 -5.96
N ALA A 278 -14.72 32.51 -5.77
CA ALA A 278 -15.75 33.30 -5.09
C ALA A 278 -15.44 33.41 -3.59
N ALA A 279 -14.81 32.37 -3.01
CA ALA A 279 -14.42 32.31 -1.60
C ALA A 279 -13.26 33.27 -1.33
N VAL A 280 -12.22 33.27 -2.20
CA VAL A 280 -11.03 34.14 -2.11
C VAL A 280 -11.45 35.62 -2.21
N ARG A 281 -12.33 35.94 -3.18
CA ARG A 281 -12.86 37.30 -3.38
C ARG A 281 -13.74 37.75 -2.21
N GLY A 282 -14.42 36.79 -1.58
CA GLY A 282 -15.26 37.02 -0.41
C GLY A 282 -14.44 37.37 0.81
N ILE A 283 -13.22 36.78 0.91
CA ILE A 283 -12.24 37.01 1.98
C ILE A 283 -11.62 38.40 1.78
N LEU A 284 -11.23 38.74 0.53
CA LEU A 284 -10.62 40.02 0.16
C LEU A 284 -11.57 41.20 0.35
N ARG A 285 -12.89 40.99 0.12
CA ARG A 285 -13.93 42.01 0.31
C ARG A 285 -14.21 42.25 1.79
N ASN A 286 -14.01 41.21 2.63
CA ASN A 286 -14.21 41.26 4.08
C ASN A 286 -13.11 42.10 4.74
N ALA A 287 -13.49 42.99 5.66
CA ALA A 287 -12.59 43.91 6.36
C ALA A 287 -11.62 43.24 7.34
N LYS A 288 -12.07 42.17 8.04
CA LYS A 288 -11.27 41.44 9.03
C LYS A 288 -10.45 40.29 8.47
N LEU A 289 -10.97 39.60 7.43
CA LEU A 289 -10.30 38.45 6.81
C LEU A 289 -9.16 38.80 5.86
N LYS A 290 -9.26 39.96 5.15
CA LYS A 290 -8.26 40.43 4.20
C LYS A 290 -6.83 40.66 4.76
N PRO A 291 -6.61 41.36 5.92
CA PRO A 291 -5.22 41.53 6.40
C PRO A 291 -4.55 40.25 6.87
N VAL A 292 -5.35 39.27 7.35
CA VAL A 292 -4.89 37.96 7.83
C VAL A 292 -4.47 37.08 6.65
N TYR A 293 -5.29 37.07 5.57
CA TYR A 293 -5.08 36.30 4.34
C TYR A 293 -3.79 36.69 3.61
N ASP A 294 -3.42 37.98 3.63
CA ASP A 294 -2.21 38.51 3.01
C ASP A 294 -0.93 38.03 3.70
N SER A 295 -1.04 37.57 4.96
CA SER A 295 0.07 37.07 5.76
C SER A 295 0.03 35.52 5.89
N LEU A 296 -0.50 34.83 4.85
CA LEU A 296 -0.60 33.38 4.80
C LEU A 296 -0.05 32.85 3.47
N ASP A 297 0.78 31.79 3.52
CA ASP A 297 1.37 31.16 2.34
C ASP A 297 0.37 30.23 1.64
N ALA A 298 0.66 29.82 0.39
CA ALA A 298 -0.17 28.95 -0.46
C ALA A 298 -0.84 27.75 0.25
N VAL A 299 -0.09 27.06 1.13
CA VAL A 299 -0.57 25.90 1.89
C VAL A 299 -1.49 26.37 3.04
N ARG A 300 -1.09 27.45 3.73
CA ARG A 300 -1.85 28.02 4.86
C ARG A 300 -3.09 28.80 4.41
N ARG A 301 -3.07 29.34 3.16
CA ARG A 301 -4.19 30.06 2.54
C ARG A 301 -5.35 29.08 2.40
N ALA A 302 -5.05 27.85 1.95
CA ALA A 302 -6.01 26.76 1.75
C ALA A 302 -6.71 26.33 3.05
N ALA A 303 -6.00 26.38 4.20
CA ALA A 303 -6.56 26.03 5.51
C ALA A 303 -7.62 27.06 5.96
N LEU A 304 -7.45 28.34 5.56
CA LEU A 304 -8.39 29.42 5.86
C LEU A 304 -9.63 29.31 4.97
N ILE A 305 -9.44 28.91 3.69
CA ILE A 305 -10.50 28.70 2.70
C ILE A 305 -11.36 27.49 3.13
N ASN A 306 -10.72 26.47 3.74
CA ASN A 306 -11.34 25.26 4.27
C ASN A 306 -12.37 25.61 5.37
N MET A 307 -12.07 26.64 6.17
CA MET A 307 -12.94 27.15 7.24
C MET A 307 -14.14 27.91 6.66
N VAL A 308 -13.90 28.72 5.60
CA VAL A 308 -14.92 29.52 4.90
C VAL A 308 -15.93 28.57 4.20
N PHE A 309 -15.43 27.44 3.65
CA PHE A 309 -16.25 26.42 2.99
C PHE A 309 -17.15 25.68 3.99
N GLN A 310 -16.82 25.73 5.30
CA GLN A 310 -17.56 25.06 6.36
C GLN A 310 -18.59 25.97 7.05
N MET A 311 -18.18 27.18 7.47
CA MET A 311 -19.05 28.11 8.20
C MET A 311 -19.40 29.44 7.52
N GLY A 312 -18.56 29.88 6.58
CA GLY A 312 -18.77 31.12 5.84
C GLY A 312 -17.90 32.26 6.31
N GLU A 313 -17.79 33.32 5.48
CA GLU A 313 -17.00 34.53 5.71
C GLU A 313 -17.30 35.24 7.03
N THR A 314 -18.59 35.31 7.43
CA THR A 314 -19.03 35.95 8.67
C THR A 314 -18.64 35.11 9.90
N GLY A 315 -18.68 33.78 9.74
CA GLY A 315 -18.34 32.82 10.78
C GLY A 315 -16.86 32.80 11.13
N VAL A 316 -15.99 32.83 10.10
CA VAL A 316 -14.52 32.82 10.25
C VAL A 316 -14.03 34.17 10.84
N ALA A 317 -14.72 35.28 10.50
CA ALA A 317 -14.42 36.63 10.99
C ALA A 317 -14.62 36.77 12.51
N GLY A 318 -15.45 35.88 13.08
CA GLY A 318 -15.75 35.84 14.50
C GLY A 318 -14.61 35.39 15.40
N PHE A 319 -13.59 34.72 14.82
CA PHE A 319 -12.41 34.24 15.54
C PHE A 319 -11.37 35.37 15.71
N THR A 320 -11.78 36.45 16.42
CA THR A 320 -10.98 37.66 16.67
C THR A 320 -9.60 37.38 17.27
N ASN A 321 -9.53 36.50 18.30
CA ASN A 321 -8.28 36.13 18.97
C ASN A 321 -7.39 35.25 18.08
N SER A 322 -7.99 34.35 17.29
CA SER A 322 -7.29 33.43 16.39
C SER A 322 -6.66 34.16 15.20
N LEU A 323 -7.45 35.04 14.53
CA LEU A 323 -7.04 35.81 13.35
C LEU A 323 -5.88 36.77 13.62
N ARG A 324 -5.86 37.42 14.81
CA ARG A 324 -4.82 38.37 15.22
C ARG A 324 -3.44 37.72 15.33
N MET A 325 -3.40 36.45 15.80
CA MET A 325 -2.16 35.69 15.95
C MET A 325 -1.72 35.04 14.63
N LEU A 326 -2.68 34.73 13.73
CA LEU A 326 -2.40 34.16 12.42
C LEU A 326 -1.79 35.21 11.48
N GLN A 327 -2.22 36.47 11.63
CA GLN A 327 -1.73 37.63 10.87
C GLN A 327 -0.30 37.96 11.28
N GLN A 328 0.04 37.75 12.56
CA GLN A 328 1.36 37.98 13.16
C GLN A 328 2.34 36.83 12.85
N LYS A 329 1.84 35.78 12.13
CA LYS A 329 2.56 34.57 11.75
C LYS A 329 2.95 33.65 12.92
N ARG A 330 2.25 33.81 14.07
CA ARG A 330 2.42 33.00 15.28
C ARG A 330 1.50 31.79 15.08
N TRP A 331 2.09 30.61 14.77
CA TRP A 331 1.32 29.40 14.48
C TRP A 331 0.92 28.56 15.69
N ASP A 332 1.87 28.30 16.60
CA ASP A 332 1.64 27.51 17.81
C ASP A 332 0.67 28.17 18.80
N GLU A 333 0.70 29.52 18.87
CA GLU A 333 -0.16 30.32 19.74
C GLU A 333 -1.59 30.40 19.22
N ALA A 334 -1.76 30.55 17.89
CA ALA A 334 -3.07 30.62 17.22
C ALA A 334 -3.76 29.25 17.23
N ALA A 335 -2.96 28.16 17.24
CA ALA A 335 -3.43 26.77 17.26
C ALA A 335 -4.25 26.46 18.51
N VAL A 336 -3.87 27.05 19.67
CA VAL A 336 -4.54 26.89 20.96
C VAL A 336 -5.92 27.58 20.91
N ASN A 337 -5.98 28.79 20.34
CA ASN A 337 -7.21 29.59 20.17
C ASN A 337 -8.21 28.91 19.24
N LEU A 338 -7.71 28.29 18.15
CA LEU A 338 -8.54 27.57 17.17
C LEU A 338 -9.08 26.26 17.74
N ALA A 339 -8.31 25.61 18.64
CA ALA A 339 -8.72 24.37 19.32
C ALA A 339 -9.76 24.68 20.39
N LYS A 340 -9.69 25.90 20.99
CA LYS A 340 -10.61 26.38 22.01
C LYS A 340 -11.76 27.16 21.33
N SER A 341 -12.62 26.42 20.60
CA SER A 341 -13.75 26.99 19.85
C SER A 341 -14.89 25.97 19.62
N ARG A 342 -16.04 26.45 19.11
CA ARG A 342 -17.22 25.65 18.77
C ARG A 342 -16.90 24.74 17.57
N TRP A 343 -16.11 25.26 16.61
CA TRP A 343 -15.66 24.58 15.39
C TRP A 343 -14.95 23.24 15.69
N TYR A 344 -14.12 23.20 16.76
CA TYR A 344 -13.42 21.99 17.19
C TYR A 344 -14.36 21.03 17.92
N ASN A 345 -15.35 21.57 18.66
CA ASN A 345 -16.32 20.76 19.42
C ASN A 345 -17.30 20.04 18.49
N GLN A 346 -17.73 20.70 17.40
CA GLN A 346 -18.66 20.14 16.42
C GLN A 346 -17.96 19.15 15.48
N THR A 347 -16.85 19.58 14.85
CA THR A 347 -16.06 18.77 13.92
C THR A 347 -14.61 18.60 14.44
N PRO A 348 -14.34 17.61 15.33
CA PRO A 348 -12.98 17.46 15.88
C PRO A 348 -11.94 16.91 14.90
N ASN A 349 -12.29 15.87 14.11
CA ASN A 349 -11.41 15.24 13.13
C ASN A 349 -10.98 16.20 12.01
N ARG A 350 -11.92 17.05 11.55
CA ARG A 350 -11.69 18.04 10.50
C ARG A 350 -10.78 19.17 10.99
N ALA A 351 -11.07 19.72 12.19
CA ALA A 351 -10.30 20.81 12.80
C ALA A 351 -8.86 20.41 13.11
N LYS A 352 -8.64 19.16 13.59
CA LYS A 352 -7.31 18.61 13.91
C LYS A 352 -6.36 18.65 12.72
N ARG A 353 -6.86 18.38 11.50
CA ARG A 353 -6.10 18.41 10.26
C ARG A 353 -5.79 19.84 9.83
N VAL A 354 -6.79 20.74 9.89
CA VAL A 354 -6.69 22.16 9.52
C VAL A 354 -5.73 22.94 10.44
N ILE A 355 -5.86 22.73 11.78
CA ILE A 355 -5.01 23.38 12.79
C ILE A 355 -3.53 22.97 12.62
N THR A 356 -3.28 21.68 12.33
CA THR A 356 -1.93 21.13 12.10
C THR A 356 -1.33 21.70 10.81
N THR A 357 -2.19 21.99 9.79
CA THR A 357 -1.78 22.61 8.52
C THR A 357 -1.32 24.05 8.78
N PHE A 358 -1.99 24.77 9.71
CA PHE A 358 -1.63 26.13 10.10
C PHE A 358 -0.32 26.13 10.91
N ARG A 359 -0.10 25.07 11.70
CA ARG A 359 1.07 24.88 12.56
C ARG A 359 2.37 24.66 11.78
N THR A 360 2.36 23.76 10.80
CA THR A 360 3.54 23.39 10.00
C THR A 360 3.68 24.10 8.66
N GLY A 361 2.56 24.34 7.98
CA GLY A 361 2.54 24.95 6.66
C GLY A 361 2.77 23.94 5.57
N THR A 362 2.48 22.65 5.87
CA THR A 362 2.63 21.51 4.96
C THR A 362 1.32 20.71 4.87
N TRP A 363 1.18 19.88 3.81
CA TRP A 363 0.00 19.03 3.58
C TRP A 363 0.15 17.65 4.25
N ASP A 364 1.16 17.48 5.13
CA ASP A 364 1.48 16.24 5.86
C ASP A 364 0.35 15.70 6.73
N ALA A 365 -0.62 16.56 7.11
CA ALA A 365 -1.79 16.21 7.92
C ALA A 365 -2.79 15.34 7.13
N TYR A 366 -2.77 15.44 5.78
CA TYR A 366 -3.65 14.70 4.89
C TYR A 366 -2.97 13.50 4.21
N LYS A 367 -1.88 12.98 4.81
CA LYS A 367 -1.13 11.82 4.32
C LYS A 367 -1.94 10.53 4.50
N PHE A 368 -2.10 9.76 3.41
CA PHE A 368 -2.82 8.48 3.34
C PHE A 368 -4.28 8.56 3.86
N CYS A 369 -4.98 9.66 3.54
CA CYS A 369 -6.37 9.90 3.95
C CYS A 369 -7.35 9.61 2.81
N LEU A 370 -6.90 9.75 1.55
CA LEU A 370 -7.71 9.49 0.36
C LEU A 370 -7.85 8.00 0.07
N LYS A 371 -8.93 7.61 -0.65
CA LYS A 371 -9.25 6.24 -1.05
C LYS A 371 -8.11 5.62 -1.86
N GLU A 372 -7.52 6.41 -2.78
CA GLU A 372 -6.40 6.00 -3.64
C GLU A 372 -5.08 5.87 -2.87
N HIS A 373 -4.80 6.81 -1.94
CA HIS A 373 -3.58 6.83 -1.14
C HIS A 373 -3.50 5.70 -0.10
N LYS A 374 -4.66 5.22 0.38
CA LYS A 374 -4.75 4.11 1.35
C LYS A 374 -4.37 2.80 0.66
N ALA A 375 -4.74 2.66 -0.64
CA ALA A 375 -4.43 1.50 -1.48
C ALA A 375 -2.93 1.40 -1.78
N LEU A 376 -2.27 2.57 -1.95
CA LEU A 376 -0.83 2.67 -2.21
C LEU A 376 -0.05 2.33 -0.95
N LYS A 377 -0.61 2.68 0.24
CA LYS A 377 -0.04 2.40 1.55
C LYS A 377 -0.09 0.90 1.82
N THR A 378 -1.20 0.23 1.41
CA THR A 378 -1.43 -1.21 1.55
C THR A 378 -0.37 -1.99 0.77
N LEU A 379 -0.13 -1.61 -0.51
CA LEU A 379 0.87 -2.22 -1.39
C LEU A 379 2.30 -1.95 -0.90
N GLY A 380 2.49 -0.83 -0.21
CA GLY A 380 3.76 -0.42 0.37
C GLY A 380 4.18 -1.30 1.53
N ILE A 381 3.19 -1.79 2.31
CA ILE A 381 3.42 -2.70 3.44
C ILE A 381 3.84 -4.08 2.93
N ILE A 382 3.24 -4.56 1.82
CA ILE A 382 3.56 -5.86 1.17
C ILE A 382 5.06 -5.89 0.80
N MET A 383 5.56 -4.76 0.25
CA MET A 383 6.97 -4.57 -0.14
C MET A 383 7.86 -4.45 1.09
N GLY A 384 7.35 -3.79 2.13
CA GLY A 384 8.04 -3.59 3.39
C GLY A 384 8.17 -4.84 4.22
N THR A 385 7.12 -5.70 4.21
CA THR A 385 7.09 -6.98 4.93
C THR A 385 8.08 -7.96 4.32
N PHE A 386 8.11 -8.07 2.98
CA PHE A 386 9.01 -8.95 2.23
C PHE A 386 10.48 -8.58 2.46
N THR A 387 10.77 -7.27 2.59
CA THR A 387 12.12 -6.76 2.84
C THR A 387 12.58 -7.12 4.26
N LEU A 388 11.81 -6.74 5.29
CA LEU A 388 12.11 -7.00 6.70
C LEU A 388 12.12 -8.48 7.11
N CYS A 389 11.58 -9.39 6.25
CA CYS A 389 11.56 -10.83 6.51
C CYS A 389 12.67 -11.58 5.76
N TRP A 390 13.06 -11.09 4.57
CA TRP A 390 14.10 -11.72 3.76
C TRP A 390 15.49 -11.09 3.86
N LEU A 391 15.57 -9.75 4.05
CA LEU A 391 16.85 -9.03 4.20
C LEU A 391 17.70 -9.55 5.39
N PRO A 392 17.15 -9.80 6.62
CA PRO A 392 18.01 -10.34 7.70
C PRO A 392 18.69 -11.68 7.38
N PHE A 393 18.14 -12.44 6.41
CA PHE A 393 18.70 -13.71 5.94
C PHE A 393 19.78 -13.45 4.89
N PHE A 394 19.47 -12.62 3.86
CA PHE A 394 20.38 -12.28 2.77
C PHE A 394 21.57 -11.44 3.21
N ILE A 395 21.41 -10.59 4.23
CA ILE A 395 22.50 -9.76 4.76
C ILE A 395 23.52 -10.61 5.55
N VAL A 396 23.03 -11.72 6.14
CA VAL A 396 23.81 -12.69 6.92
C VAL A 396 24.52 -13.68 5.97
N ASN A 397 23.86 -14.02 4.84
CA ASN A 397 24.37 -14.92 3.80
C ASN A 397 25.66 -14.42 3.16
N ILE A 398 25.83 -13.08 3.04
CA ILE A 398 27.01 -12.43 2.47
C ILE A 398 28.21 -12.53 3.44
N VAL A 399 27.95 -12.53 4.76
CA VAL A 399 28.97 -12.63 5.82
C VAL A 399 29.72 -13.98 5.73
N HIS A 400 29.02 -15.05 5.28
CA HIS A 400 29.59 -16.39 5.10
C HIS A 400 30.65 -16.42 3.99
N VAL A 401 30.54 -15.50 3.00
CA VAL A 401 31.48 -15.34 1.89
C VAL A 401 32.75 -14.63 2.43
N ILE A 402 32.56 -13.60 3.28
CA ILE A 402 33.63 -12.82 3.90
C ILE A 402 34.40 -13.67 4.93
N GLN A 403 33.69 -14.29 5.89
CA GLN A 403 34.26 -15.14 6.93
C GLN A 403 33.54 -16.50 6.94
N ASP A 404 34.31 -17.57 6.66
CA ASP A 404 33.80 -18.94 6.63
C ASP A 404 33.57 -19.47 8.06
N ASN A 405 32.42 -20.15 8.26
CA ASN A 405 31.98 -20.76 9.52
C ASN A 405 31.91 -19.77 10.71
N LEU A 406 31.26 -18.61 10.51
CA LEU A 406 31.08 -17.58 11.52
C LEU A 406 29.67 -17.62 12.11
N ILE A 407 28.63 -17.65 11.25
CA ILE A 407 27.23 -17.73 11.64
C ILE A 407 26.86 -19.19 11.91
N ARG A 408 26.23 -19.46 13.07
CA ARG A 408 25.78 -20.79 13.51
C ARG A 408 24.69 -21.34 12.59
N LYS A 409 24.59 -22.68 12.50
CA LYS A 409 23.59 -23.38 11.67
C LYS A 409 22.15 -23.04 12.12
N GLU A 410 21.93 -22.91 13.44
CA GLU A 410 20.65 -22.55 14.04
C GLU A 410 20.22 -21.14 13.64
N VAL A 411 21.20 -20.22 13.50
CA VAL A 411 21.00 -18.81 13.12
C VAL A 411 20.59 -18.73 11.63
N TYR A 412 21.28 -19.49 10.75
CA TYR A 412 21.02 -19.55 9.30
C TYR A 412 19.62 -20.09 8.99
N ILE A 413 19.20 -21.17 9.70
CA ILE A 413 17.90 -21.81 9.53
C ILE A 413 16.75 -20.91 10.02
N LEU A 414 16.91 -20.29 11.22
CA LEU A 414 15.93 -19.39 11.83
C LEU A 414 15.65 -18.16 10.94
N LEU A 415 16.71 -17.52 10.41
CA LEU A 415 16.60 -16.34 9.54
C LEU A 415 15.95 -16.68 8.20
N ASN A 416 16.16 -17.92 7.72
CA ASN A 416 15.57 -18.44 6.48
C ASN A 416 14.08 -18.68 6.74
N TRP A 417 13.75 -19.19 7.94
CA TRP A 417 12.39 -19.48 8.40
C TRP A 417 11.51 -18.25 8.62
N ILE A 418 12.13 -17.06 8.82
CA ILE A 418 11.40 -15.79 8.99
C ILE A 418 10.73 -15.44 7.64
N GLY A 419 11.44 -15.72 6.55
CA GLY A 419 10.96 -15.51 5.19
C GLY A 419 9.92 -16.52 4.76
N TYR A 420 9.86 -17.69 5.43
CA TYR A 420 8.89 -18.77 5.18
C TYR A 420 7.52 -18.34 5.69
N VAL A 421 7.47 -17.64 6.84
CA VAL A 421 6.26 -17.12 7.49
C VAL A 421 5.68 -15.95 6.67
N ASN A 422 6.55 -15.20 5.95
CA ASN A 422 6.20 -14.06 5.09
C ASN A 422 5.16 -14.41 4.00
N SER A 423 5.13 -15.69 3.57
CA SER A 423 4.19 -16.21 2.57
C SER A 423 2.74 -16.15 3.07
N GLY A 424 2.56 -16.34 4.37
CA GLY A 424 1.26 -16.28 5.04
C GLY A 424 0.93 -14.92 5.63
N PHE A 425 1.89 -13.98 5.57
CA PHE A 425 1.74 -12.60 6.08
C PHE A 425 0.83 -11.78 5.17
N ASN A 426 1.10 -11.79 3.84
CA ASN A 426 0.37 -11.06 2.80
C ASN A 426 -1.17 -11.16 2.86
N PRO A 427 -1.82 -12.36 2.97
CA PRO A 427 -3.30 -12.40 3.05
C PRO A 427 -3.91 -11.61 4.21
N LEU A 428 -3.21 -11.56 5.36
CA LEU A 428 -3.65 -10.82 6.54
C LEU A 428 -3.52 -9.30 6.33
N ILE A 429 -2.52 -8.88 5.51
CA ILE A 429 -2.29 -7.47 5.17
C ILE A 429 -3.30 -7.03 4.09
N TYR A 430 -3.78 -7.97 3.25
CA TYR A 430 -4.76 -7.70 2.20
C TYR A 430 -6.14 -7.32 2.77
N CYS A 431 -6.39 -7.67 4.07
CA CYS A 431 -7.62 -7.38 4.80
C CYS A 431 -7.81 -5.87 5.05
N ARG A 432 -6.73 -5.06 4.91
CA ARG A 432 -6.71 -3.60 5.08
C ARG A 432 -7.64 -2.91 4.10
N SER A 433 -7.66 -3.39 2.84
CA SER A 433 -8.50 -2.84 1.76
C SER A 433 -9.97 -3.23 1.98
N PRO A 434 -10.93 -2.29 1.86
CA PRO A 434 -12.35 -2.64 2.06
C PRO A 434 -12.92 -3.52 0.94
N ASP A 435 -12.33 -3.44 -0.27
CA ASP A 435 -12.73 -4.21 -1.46
C ASP A 435 -12.50 -5.71 -1.24
N PHE A 436 -11.37 -6.07 -0.59
CA PHE A 436 -11.01 -7.45 -0.27
C PHE A 436 -11.77 -7.97 0.94
N ARG A 437 -12.05 -7.09 1.94
CA ARG A 437 -12.77 -7.40 3.18
C ARG A 437 -14.18 -7.95 2.91
N ILE A 438 -14.90 -7.40 1.91
CA ILE A 438 -16.23 -7.84 1.51
C ILE A 438 -16.14 -9.21 0.81
N ALA A 439 -15.10 -9.40 -0.02
CA ALA A 439 -14.83 -10.64 -0.77
C ALA A 439 -14.56 -11.83 0.15
N PHE A 440 -13.79 -11.64 1.24
CA PHE A 440 -13.47 -12.70 2.20
C PHE A 440 -14.68 -13.05 3.07
N GLN A 441 -15.54 -12.06 3.38
CA GLN A 441 -16.74 -12.23 4.19
C GLN A 441 -17.82 -13.07 3.51
N GLU A 442 -18.08 -12.79 2.21
CA GLU A 442 -19.09 -13.51 1.40
C GLU A 442 -18.66 -14.94 1.07
N LEU A 443 -17.34 -15.17 0.95
CA LEU A 443 -16.77 -16.49 0.64
C LEU A 443 -16.78 -17.43 1.85
N LEU A 444 -16.41 -16.90 3.04
CA LEU A 444 -16.37 -17.65 4.30
C LEU A 444 -17.70 -17.66 5.05
N CYS A 445 -18.71 -16.90 4.54
CA CYS A 445 -20.05 -16.74 5.10
C CYS A 445 -20.01 -16.13 6.51
N LEU A 446 -19.86 -14.80 6.58
CA LEU A 446 -19.78 -14.04 7.83
C LEU A 446 -20.82 -12.92 7.86
#